data_3JRX
#
_entry.id   3JRX
#
_cell.length_a   74.744
_cell.length_b   74.744
_cell.length_c   179.414
_cell.angle_alpha   90.00
_cell.angle_beta   90.00
_cell.angle_gamma   120.00
#
_symmetry.space_group_name_H-M   'P 32 2 1'
#
loop_
_entity.id
_entity.type
_entity.pdbx_description
1 polymer 'Acetyl-CoA carboxylase 2'
2 non-polymer 'SORAPHEN A'
3 water water
#
_entity_poly.entity_id   1
_entity_poly.type   'polypeptide(L)'
_entity_poly.pdbx_seq_one_letter_code
;MRGSGSMRGSGSMRPSMSGLHLVKRGREHKKLDLHRDFTVASPAEFVTRFGGDRVIEKVLIANNGIAAVKCMRSIRRWAY
EMFRNERAIRFVVMVTPEDLKANAEYIKMADHYVPVPGGPNNNNYANVELIVDIAKRIPVQAVWAGWGHASENPKLPELL
CKNGVAFLGPPSEAMWALGDKIASTVVAQTLQVPTLPWSGSGLTVEWTEDDLQQGKRISVPEDVYDKGCVKDVDEGLEAA
ERIGFPLMIKASEGGGGKGIRKAESAEDFPILFRQVQSEIPGSPIFLMKLAQHARHLEVQILADQYGNAVSLFGRDCSIQ
RRHQKIVEEAPATIAPLAIFEFMEQCAIRLAKTVGYVSAGTVEYLYSQDGSFHFLELNPRLQVEHPCTEMIADVNLPAAQ
LQIAMGVPLHRLKDIRLLYGESPWGVTPISFETPSNPPLARGHVIAARITSENPDEGFKPSSGTVQELNFRSSKNVWGYF
SVAATGGLHEFADSQFGHCFSWGENREEAISNMVVALKELSIRGDFRTTVEYLINLLETESFQNNDIDTGWLDYLIAEKV
QAEKPDIMLGVLEHHHHHHLEHHHHHH
;
_entity_poly.pdbx_strand_id   A
#
loop_
_chem_comp.id
_chem_comp.type
_chem_comp.name
_chem_comp.formula
S1A non-polymer 'SORAPHEN A' 'C29 H44 O8'
#
# COMPACT_ATOMS: atom_id res chain seq x y z
N ASP A 33 30.54 3.72 -12.28
CA ASP A 33 31.01 2.64 -13.15
C ASP A 33 29.86 1.77 -13.61
N LEU A 34 29.64 1.69 -14.93
CA LEU A 34 28.56 0.89 -15.51
C LEU A 34 29.08 -0.35 -16.22
N HIS A 35 30.37 -0.61 -16.12
CA HIS A 35 30.92 -1.75 -16.85
C HIS A 35 30.31 -3.11 -16.53
N ARG A 36 29.77 -3.29 -15.34
CA ARG A 36 29.18 -4.57 -14.97
C ARG A 36 27.68 -4.67 -15.23
N ASP A 37 27.11 -3.69 -15.92
CA ASP A 37 25.67 -3.71 -16.17
C ASP A 37 25.29 -4.74 -17.20
N PHE A 38 24.35 -5.62 -16.85
CA PHE A 38 23.89 -6.65 -17.76
C PHE A 38 22.60 -6.19 -18.44
N THR A 39 22.53 -6.33 -19.76
CA THR A 39 21.33 -5.93 -20.47
C THR A 39 20.92 -7.00 -21.48
N VAL A 40 19.64 -6.99 -21.86
CA VAL A 40 19.15 -7.93 -22.86
C VAL A 40 18.50 -7.13 -23.97
N ALA A 41 18.19 -7.80 -25.07
CA ALA A 41 17.61 -7.16 -26.24
C ALA A 41 16.12 -6.82 -26.15
N SER A 42 15.38 -7.60 -25.38
CA SER A 42 13.95 -7.35 -25.32
C SER A 42 13.28 -8.07 -24.16
N PRO A 43 12.02 -7.74 -23.89
CA PRO A 43 11.26 -8.36 -22.81
C PRO A 43 11.27 -9.89 -22.89
N ALA A 44 11.22 -10.43 -24.11
CA ALA A 44 11.23 -11.88 -24.29
C ALA A 44 12.51 -12.52 -23.83
N GLU A 45 13.65 -11.91 -24.15
CA GLU A 45 14.94 -12.47 -23.73
C GLU A 45 15.08 -12.34 -22.22
N PHE A 46 14.52 -11.26 -21.68
CA PHE A 46 14.59 -11.04 -20.23
C PHE A 46 13.84 -12.13 -19.50
N VAL A 47 12.63 -12.43 -19.96
CA VAL A 47 11.81 -13.45 -19.35
C VAL A 47 12.46 -14.83 -19.43
N THR A 48 13.06 -15.15 -20.57
CA THR A 48 13.70 -16.46 -20.70
C THR A 48 15.04 -16.56 -19.96
N ARG A 49 15.82 -15.48 -19.94
CA ARG A 49 17.09 -15.51 -19.25
C ARG A 49 16.94 -15.27 -17.75
N PHE A 50 15.71 -15.05 -17.26
CA PHE A 50 15.52 -14.81 -15.82
C PHE A 50 14.51 -15.71 -15.12
N GLY A 51 14.18 -16.83 -15.73
CA GLY A 51 13.25 -17.76 -15.09
C GLY A 51 11.81 -17.32 -15.00
N GLY A 52 11.40 -16.46 -15.93
CA GLY A 52 10.01 -16.01 -15.94
C GLY A 52 9.20 -16.94 -16.82
N ASP A 53 7.90 -16.72 -16.91
CA ASP A 53 7.05 -17.57 -17.73
C ASP A 53 6.11 -16.80 -18.63
N ARG A 54 5.93 -15.52 -18.37
CA ARG A 54 5.02 -14.72 -19.16
C ARG A 54 5.70 -13.43 -19.65
N VAL A 55 5.54 -13.13 -20.93
CA VAL A 55 6.12 -11.93 -21.50
C VAL A 55 5.12 -10.80 -21.46
N ILE A 56 5.57 -9.67 -20.93
CA ILE A 56 4.75 -8.49 -20.79
C ILE A 56 5.47 -7.31 -21.44
N GLU A 57 4.92 -6.82 -22.54
CA GLU A 57 5.52 -5.70 -23.23
C GLU A 57 4.56 -4.54 -23.36
N LYS A 58 3.30 -4.79 -23.03
CA LYS A 58 2.27 -3.76 -23.10
C LYS A 58 1.41 -3.82 -21.84
N VAL A 59 1.34 -2.71 -21.13
CA VAL A 59 0.59 -2.62 -19.89
C VAL A 59 -0.50 -1.57 -19.95
N LEU A 60 -1.68 -1.92 -19.45
CA LEU A 60 -2.79 -0.99 -19.36
C LEU A 60 -2.84 -0.40 -17.95
N ILE A 61 -2.75 0.92 -17.84
CA ILE A 61 -2.82 1.61 -16.57
C ILE A 61 -4.25 2.10 -16.32
N ALA A 62 -4.90 1.51 -15.31
CA ALA A 62 -6.28 1.87 -14.95
C ALA A 62 -6.22 2.92 -13.86
N ASN A 63 -5.60 4.05 -14.16
CA ASN A 63 -5.47 5.11 -13.18
C ASN A 63 -4.91 6.35 -13.86
N ASN A 64 -4.97 7.48 -13.18
CA ASN A 64 -4.46 8.74 -13.72
C ASN A 64 -3.68 9.46 -12.64
N GLY A 65 -3.37 10.73 -12.88
CA GLY A 65 -2.65 11.51 -11.89
C GLY A 65 -1.26 11.04 -11.57
N ILE A 66 -0.87 11.25 -10.31
CA ILE A 66 0.46 10.87 -9.86
C ILE A 66 0.71 9.37 -9.97
N ALA A 67 -0.32 8.55 -9.73
CA ALA A 67 -0.18 7.11 -9.82
C ALA A 67 0.31 6.68 -11.20
N ALA A 68 -0.32 7.21 -12.25
CA ALA A 68 0.02 6.85 -13.62
C ALA A 68 1.42 7.35 -14.02
N VAL A 69 1.76 8.56 -13.59
CA VAL A 69 3.07 9.14 -13.90
C VAL A 69 4.13 8.30 -13.20
N LYS A 70 3.91 8.03 -11.92
CA LYS A 70 4.82 7.23 -11.12
C LYS A 70 5.07 5.84 -11.73
N CYS A 71 3.99 5.16 -12.08
CA CYS A 71 4.08 3.83 -12.66
C CYS A 71 4.93 3.82 -13.94
N MET A 72 4.58 4.70 -14.88
CA MET A 72 5.31 4.79 -16.13
C MET A 72 6.76 5.20 -15.90
N ARG A 73 6.98 6.17 -15.03
CA ARG A 73 8.34 6.62 -14.78
C ARG A 73 9.22 5.55 -14.16
N SER A 74 8.72 4.84 -13.15
CA SER A 74 9.50 3.79 -12.49
C SER A 74 9.87 2.65 -13.42
N ILE A 75 8.89 2.12 -14.16
CA ILE A 75 9.15 1.02 -15.05
C ILE A 75 10.04 1.45 -16.23
N ARG A 76 9.81 2.64 -16.75
CA ARG A 76 10.66 3.10 -17.86
C ARG A 76 12.12 3.16 -17.42
N ARG A 77 12.41 3.64 -16.21
CA ARG A 77 13.80 3.68 -15.78
C ARG A 77 14.36 2.26 -15.76
N TRP A 78 13.54 1.30 -15.32
CA TRP A 78 14.00 -0.09 -15.29
C TRP A 78 14.23 -0.58 -16.73
N ALA A 79 13.35 -0.19 -17.65
CA ALA A 79 13.51 -0.61 -19.04
C ALA A 79 14.82 -0.07 -19.59
N TYR A 80 15.19 1.16 -19.21
CA TYR A 80 16.46 1.71 -19.67
C TYR A 80 17.63 0.88 -19.10
N GLU A 81 17.55 0.55 -17.82
CA GLU A 81 18.61 -0.24 -17.21
C GLU A 81 18.74 -1.66 -17.77
N MET A 82 17.61 -2.28 -18.12
CA MET A 82 17.66 -3.64 -18.63
C MET A 82 17.73 -3.82 -20.15
N PHE A 83 17.14 -2.90 -20.91
CA PHE A 83 17.15 -3.02 -22.38
C PHE A 83 17.83 -1.83 -23.05
N ARG A 84 18.20 -0.83 -22.25
CA ARG A 84 18.83 0.40 -22.76
C ARG A 84 17.76 1.08 -23.63
N ASN A 85 16.51 0.71 -23.40
CA ASN A 85 15.38 1.25 -24.14
C ASN A 85 14.26 1.57 -23.16
N GLU A 86 14.18 2.83 -22.79
CA GLU A 86 13.20 3.34 -21.84
C GLU A 86 11.76 2.95 -22.19
N ARG A 87 11.47 2.80 -23.48
CA ARG A 87 10.12 2.44 -23.90
C ARG A 87 9.91 0.96 -24.25
N ALA A 88 10.79 0.07 -23.81
CA ALA A 88 10.65 -1.36 -24.10
C ALA A 88 9.28 -1.91 -23.66
N ILE A 89 8.76 -1.39 -22.56
CA ILE A 89 7.45 -1.79 -22.07
C ILE A 89 6.56 -0.60 -22.42
N ARG A 90 5.66 -0.81 -23.38
CA ARG A 90 4.74 0.26 -23.81
C ARG A 90 3.62 0.44 -22.79
N PHE A 91 3.04 1.63 -22.76
CA PHE A 91 1.97 1.95 -21.84
C PHE A 91 0.75 2.57 -22.51
N VAL A 92 -0.42 2.11 -22.06
CA VAL A 92 -1.69 2.61 -22.54
C VAL A 92 -2.44 3.09 -21.30
N VAL A 93 -2.97 4.30 -21.35
CA VAL A 93 -3.70 4.82 -20.21
C VAL A 93 -5.15 5.13 -20.53
N MET A 94 -5.97 5.08 -19.49
CA MET A 94 -7.38 5.38 -19.61
C MET A 94 -7.51 6.88 -19.33
N VAL A 95 -8.29 7.57 -20.17
CA VAL A 95 -8.45 9.00 -20.04
C VAL A 95 -9.91 9.44 -20.07
N THR A 96 -10.29 10.28 -19.13
CA THR A 96 -11.66 10.79 -19.05
C THR A 96 -11.71 12.10 -19.84
N PRO A 97 -12.92 12.53 -20.24
CA PRO A 97 -13.04 13.77 -21.01
C PRO A 97 -12.42 14.97 -20.29
N GLU A 98 -12.57 15.01 -18.97
CA GLU A 98 -12.04 16.07 -18.15
C GLU A 98 -10.50 16.10 -18.22
N ASP A 99 -9.86 14.98 -17.93
CA ASP A 99 -8.41 14.91 -17.97
C ASP A 99 -7.86 15.32 -19.33
N LEU A 100 -8.44 14.76 -20.40
CA LEU A 100 -7.99 15.08 -21.74
C LEU A 100 -8.16 16.56 -22.03
N LYS A 101 -9.18 17.18 -21.44
CA LYS A 101 -9.45 18.59 -21.67
C LYS A 101 -8.41 19.48 -20.99
N ALA A 102 -7.94 19.07 -19.81
CA ALA A 102 -6.93 19.83 -19.07
C ALA A 102 -5.53 19.39 -19.49
N ASN A 103 -5.47 18.67 -20.60
CA ASN A 103 -4.21 18.16 -21.14
C ASN A 103 -3.28 17.60 -20.06
N ALA A 104 -3.81 16.68 -19.26
CA ALA A 104 -3.04 16.06 -18.19
C ALA A 104 -1.71 15.50 -18.71
N GLU A 105 -0.66 15.71 -17.93
CA GLU A 105 0.69 15.27 -18.27
C GLU A 105 0.78 13.77 -18.55
N TYR A 106 0.10 12.98 -17.73
CA TYR A 106 0.14 11.52 -17.85
C TYR A 106 -0.31 11.02 -19.23
N ILE A 107 -1.19 11.77 -19.89
CA ILE A 107 -1.69 11.38 -21.20
C ILE A 107 -0.58 11.43 -22.25
N LYS A 108 0.10 12.56 -22.31
CA LYS A 108 1.18 12.78 -23.27
C LYS A 108 2.34 11.82 -23.05
N MET A 109 2.52 11.41 -21.79
CA MET A 109 3.56 10.47 -21.39
C MET A 109 3.31 9.05 -21.91
N ALA A 110 2.04 8.66 -21.99
CA ALA A 110 1.71 7.32 -22.45
C ALA A 110 1.95 7.12 -23.94
N ASP A 111 2.26 5.89 -24.30
CA ASP A 111 2.47 5.57 -25.70
C ASP A 111 1.12 5.66 -26.42
N HIS A 112 0.07 5.21 -25.76
CA HIS A 112 -1.28 5.28 -26.32
C HIS A 112 -2.27 5.56 -25.20
N TYR A 113 -3.42 6.11 -25.57
CA TYR A 113 -4.46 6.37 -24.59
C TYR A 113 -5.83 6.00 -25.17
N VAL A 114 -6.74 5.64 -24.27
CA VAL A 114 -8.10 5.28 -24.65
C VAL A 114 -9.11 6.11 -23.89
N PRO A 115 -9.82 6.99 -24.59
CA PRO A 115 -10.84 7.85 -24.00
C PRO A 115 -11.96 7.00 -23.39
N VAL A 116 -12.40 7.37 -22.20
CA VAL A 116 -13.47 6.63 -21.54
C VAL A 116 -14.48 7.62 -20.97
N PRO A 117 -15.66 7.12 -20.60
CA PRO A 117 -16.72 7.97 -20.03
C PRO A 117 -16.26 8.80 -18.83
N GLY A 118 -16.86 9.97 -18.68
CA GLY A 118 -16.51 10.83 -17.56
C GLY A 118 -17.39 10.51 -16.36
N GLY A 119 -17.55 11.47 -15.46
CA GLY A 119 -18.39 11.25 -14.30
C GLY A 119 -17.66 10.46 -13.22
N PRO A 120 -18.35 10.00 -12.16
CA PRO A 120 -17.69 9.24 -11.10
C PRO A 120 -16.83 8.09 -11.57
N ASN A 121 -15.92 7.64 -10.71
CA ASN A 121 -15.03 6.54 -11.06
C ASN A 121 -15.71 5.21 -11.37
N ASN A 122 -16.96 5.04 -10.94
CA ASN A 122 -17.62 3.77 -11.26
C ASN A 122 -17.91 3.70 -12.75
N ASN A 123 -17.77 4.82 -13.45
CA ASN A 123 -17.96 4.85 -14.91
C ASN A 123 -16.64 4.76 -15.67
N ASN A 124 -15.53 4.63 -14.94
CA ASN A 124 -14.23 4.57 -15.63
C ASN A 124 -13.11 3.83 -14.89
N TYR A 125 -12.29 4.56 -14.14
CA TYR A 125 -11.15 3.97 -13.43
C TYR A 125 -11.45 2.82 -12.46
N ALA A 126 -12.64 2.84 -11.85
CA ALA A 126 -13.01 1.79 -10.90
C ALA A 126 -13.98 0.78 -11.50
N ASN A 127 -14.21 0.86 -12.80
CA ASN A 127 -15.13 -0.09 -13.44
C ASN A 127 -14.38 -1.33 -13.90
N VAL A 128 -14.46 -2.37 -13.10
CA VAL A 128 -13.79 -3.63 -13.38
C VAL A 128 -14.06 -4.21 -14.76
N GLU A 129 -15.32 -4.29 -15.15
CA GLU A 129 -15.61 -4.85 -16.46
C GLU A 129 -15.09 -3.98 -17.61
N LEU A 130 -15.07 -2.66 -17.41
CA LEU A 130 -14.57 -1.74 -18.44
C LEU A 130 -13.06 -1.95 -18.61
N ILE A 131 -12.34 -1.98 -17.50
CA ILE A 131 -10.89 -2.18 -17.53
C ILE A 131 -10.57 -3.45 -18.31
N VAL A 132 -11.25 -4.54 -17.96
CA VAL A 132 -11.01 -5.82 -18.62
C VAL A 132 -11.29 -5.77 -20.11
N ASP A 133 -12.42 -5.20 -20.51
CA ASP A 133 -12.75 -5.14 -21.92
C ASP A 133 -11.66 -4.41 -22.70
N ILE A 134 -11.13 -3.32 -22.11
CA ILE A 134 -10.08 -2.54 -22.75
C ILE A 134 -8.79 -3.34 -22.86
N ALA A 135 -8.44 -4.02 -21.77
CA ALA A 135 -7.23 -4.82 -21.74
C ALA A 135 -7.21 -5.89 -22.83
N LYS A 136 -8.39 -6.40 -23.15
CA LYS A 136 -8.52 -7.46 -24.16
C LYS A 136 -8.57 -6.93 -25.58
N ARG A 137 -9.19 -5.77 -25.76
CA ARG A 137 -9.32 -5.21 -27.08
C ARG A 137 -8.06 -4.60 -27.67
N ILE A 138 -7.20 -4.04 -26.82
CA ILE A 138 -5.99 -3.42 -27.32
C ILE A 138 -5.16 -4.36 -28.19
N PRO A 139 -4.63 -5.47 -27.62
CA PRO A 139 -4.68 -5.96 -26.25
C PRO A 139 -3.36 -5.71 -25.50
N VAL A 140 -3.39 -5.84 -24.19
CA VAL A 140 -2.19 -5.69 -23.39
C VAL A 140 -1.99 -7.06 -22.78
N GLN A 141 -0.84 -7.29 -22.15
CA GLN A 141 -0.60 -8.57 -21.51
C GLN A 141 -0.77 -8.40 -20.01
N ALA A 142 -0.83 -7.16 -19.54
CA ALA A 142 -0.96 -6.93 -18.11
C ALA A 142 -1.65 -5.63 -17.73
N VAL A 143 -2.12 -5.57 -16.48
CA VAL A 143 -2.80 -4.38 -15.99
C VAL A 143 -2.27 -3.94 -14.63
N TRP A 144 -2.13 -2.63 -14.48
CA TRP A 144 -1.67 -2.01 -13.25
C TRP A 144 -2.77 -1.03 -12.87
N ALA A 145 -3.25 -1.09 -11.64
CA ALA A 145 -4.31 -0.21 -11.19
C ALA A 145 -3.82 0.80 -10.13
N GLY A 146 -2.67 0.49 -9.53
CA GLY A 146 -2.10 1.38 -8.52
C GLY A 146 -2.82 1.36 -7.19
N TRP A 147 -3.32 2.51 -6.76
CA TRP A 147 -4.04 2.60 -5.49
C TRP A 147 -5.32 3.39 -5.73
N GLY A 148 -6.29 3.22 -4.86
CA GLY A 148 -7.56 3.91 -5.04
C GLY A 148 -8.34 3.17 -6.11
N HIS A 149 -9.55 3.64 -6.42
CA HIS A 149 -10.36 3.00 -7.45
C HIS A 149 -10.62 1.50 -7.28
N ALA A 150 -10.27 0.72 -8.30
CA ALA A 150 -10.49 -0.73 -8.30
C ALA A 150 -9.27 -1.58 -7.91
N SER A 151 -8.23 -0.95 -7.40
CA SER A 151 -7.01 -1.66 -7.02
C SER A 151 -7.19 -2.72 -5.91
N GLU A 152 -8.25 -2.59 -5.12
CA GLU A 152 -8.52 -3.54 -4.04
C GLU A 152 -9.74 -4.40 -4.32
N ASN A 153 -10.26 -4.32 -5.54
CA ASN A 153 -11.42 -5.13 -5.91
C ASN A 153 -10.95 -6.48 -6.47
N PRO A 154 -11.09 -7.56 -5.69
CA PRO A 154 -10.69 -8.92 -6.08
C PRO A 154 -11.26 -9.40 -7.40
N LYS A 155 -12.33 -8.79 -7.84
CA LYS A 155 -12.94 -9.20 -9.09
C LYS A 155 -12.10 -8.78 -10.30
N LEU A 156 -11.21 -7.80 -10.10
CA LEU A 156 -10.35 -7.35 -11.20
C LEU A 156 -9.37 -8.45 -11.59
N PRO A 157 -8.44 -8.84 -10.68
CA PRO A 157 -7.50 -9.89 -11.05
C PRO A 157 -8.23 -11.17 -11.46
N GLU A 158 -9.42 -11.35 -10.89
CA GLU A 158 -10.21 -12.53 -11.17
C GLU A 158 -10.61 -12.57 -12.65
N LEU A 159 -11.17 -11.46 -13.11
CA LEU A 159 -11.64 -11.32 -14.47
C LEU A 159 -10.51 -11.23 -15.47
N LEU A 160 -9.37 -10.68 -15.05
CA LEU A 160 -8.22 -10.56 -15.93
C LEU A 160 -7.65 -11.94 -16.18
N CYS A 161 -7.53 -12.71 -15.11
CA CYS A 161 -6.99 -14.05 -15.17
C CYS A 161 -7.82 -14.91 -16.13
N LYS A 162 -9.14 -14.81 -16.03
CA LYS A 162 -10.03 -15.58 -16.89
C LYS A 162 -9.86 -15.22 -18.36
N ASN A 163 -9.26 -14.06 -18.63
CA ASN A 163 -9.06 -13.63 -20.02
C ASN A 163 -7.59 -13.62 -20.46
N GLY A 164 -6.74 -14.32 -19.71
CA GLY A 164 -5.33 -14.39 -20.07
C GLY A 164 -4.53 -13.13 -19.84
N VAL A 165 -5.06 -12.22 -19.03
CA VAL A 165 -4.38 -10.97 -18.75
C VAL A 165 -3.84 -10.92 -17.33
N ALA A 166 -2.53 -10.70 -17.22
CA ALA A 166 -1.89 -10.61 -15.91
C ALA A 166 -2.32 -9.36 -15.15
N PHE A 167 -2.13 -9.40 -13.84
CA PHE A 167 -2.46 -8.27 -12.99
C PHE A 167 -1.22 -7.91 -12.16
N LEU A 168 -0.87 -6.63 -12.13
CA LEU A 168 0.28 -6.24 -11.32
C LEU A 168 -0.16 -6.07 -9.87
N GLY A 169 -0.63 -7.17 -9.28
CA GLY A 169 -1.08 -7.16 -7.90
C GLY A 169 -1.36 -8.58 -7.41
N PRO A 170 -1.98 -8.73 -6.24
CA PRO A 170 -2.26 -10.07 -5.75
C PRO A 170 -3.39 -10.75 -6.55
N PRO A 171 -3.42 -12.08 -6.59
CA PRO A 171 -4.47 -12.77 -7.34
C PRO A 171 -5.81 -12.71 -6.58
N SER A 172 -6.91 -12.87 -7.30
CA SER A 172 -8.22 -12.80 -6.66
C SER A 172 -8.31 -13.86 -5.57
N GLU A 173 -7.77 -15.04 -5.87
CA GLU A 173 -7.77 -16.14 -4.91
C GLU A 173 -7.05 -15.72 -3.63
N ALA A 174 -6.08 -14.82 -3.76
CA ALA A 174 -5.32 -14.32 -2.62
C ALA A 174 -6.11 -13.28 -1.84
N MET A 175 -7.05 -12.61 -2.51
CA MET A 175 -7.89 -11.60 -1.89
C MET A 175 -9.18 -12.24 -1.36
N TRP A 176 -9.60 -13.34 -1.98
CA TRP A 176 -10.81 -14.07 -1.56
C TRP A 176 -10.47 -14.82 -0.26
N ALA A 177 -9.23 -15.31 -0.19
CA ALA A 177 -8.75 -16.04 0.99
C ALA A 177 -8.43 -15.09 2.14
N LEU A 178 -7.80 -13.96 1.84
CA LEU A 178 -7.48 -12.99 2.89
C LEU A 178 -8.77 -12.29 3.24
N GLY A 179 -9.66 -12.21 2.24
CA GLY A 179 -10.94 -11.57 2.42
C GLY A 179 -10.88 -10.16 2.96
N ASP A 180 -11.93 -9.77 3.67
CA ASP A 180 -12.02 -8.44 4.25
C ASP A 180 -11.29 -8.31 5.60
N LYS A 181 -11.86 -7.49 6.49
CA LYS A 181 -11.29 -7.25 7.81
C LYS A 181 -11.59 -8.46 8.69
N ILE A 182 -12.80 -8.99 8.53
CA ILE A 182 -13.26 -10.15 9.29
C ILE A 182 -12.42 -11.38 8.97
N ALA A 183 -12.28 -11.68 7.69
CA ALA A 183 -11.52 -12.84 7.23
C ALA A 183 -10.05 -12.79 7.66
N SER A 184 -9.38 -11.69 7.33
CA SER A 184 -7.96 -11.53 7.65
C SER A 184 -7.67 -11.54 9.15
N THR A 185 -8.57 -11.00 9.95
CA THR A 185 -8.34 -11.00 11.39
C THR A 185 -8.43 -12.44 11.85
N VAL A 186 -9.41 -13.16 11.32
CA VAL A 186 -9.58 -14.57 11.68
C VAL A 186 -8.32 -15.33 11.27
N VAL A 187 -7.80 -15.01 10.08
CA VAL A 187 -6.62 -15.67 9.57
C VAL A 187 -5.42 -15.37 10.44
N ALA A 188 -5.29 -14.11 10.86
CA ALA A 188 -4.17 -13.69 11.70
C ALA A 188 -4.17 -14.50 13.00
N GLN A 189 -5.36 -14.68 13.57
CA GLN A 189 -5.49 -15.42 14.82
C GLN A 189 -5.06 -16.87 14.61
N THR A 190 -5.40 -17.42 13.45
CA THR A 190 -5.03 -18.78 13.14
C THR A 190 -3.50 -18.91 13.13
N LEU A 191 -2.81 -17.91 12.58
CA LEU A 191 -1.35 -17.93 12.52
C LEU A 191 -0.77 -17.39 13.82
N GLN A 192 -1.62 -17.31 14.83
CA GLN A 192 -1.24 -16.83 16.14
C GLN A 192 -0.61 -15.45 16.20
N VAL A 193 -1.16 -14.53 15.42
CA VAL A 193 -0.69 -13.16 15.43
C VAL A 193 -1.68 -12.41 16.32
N PRO A 194 -1.17 -11.60 17.24
CA PRO A 194 -2.01 -10.82 18.17
C PRO A 194 -3.02 -9.93 17.40
N THR A 195 -4.24 -9.88 17.90
CA THR A 195 -5.27 -9.05 17.26
C THR A 195 -6.02 -8.28 18.35
N LEU A 196 -6.74 -7.26 17.97
CA LEU A 196 -7.48 -6.49 18.95
C LEU A 196 -8.75 -7.24 19.34
N PRO A 197 -9.23 -7.03 20.57
CA PRO A 197 -10.45 -7.70 21.01
C PRO A 197 -11.60 -7.30 20.11
N TRP A 198 -12.28 -8.29 19.55
CA TRP A 198 -13.38 -8.00 18.65
C TRP A 198 -14.42 -9.12 18.71
N SER A 199 -15.56 -8.90 18.07
CA SER A 199 -16.64 -9.88 18.05
C SER A 199 -16.23 -11.22 17.43
N GLY A 200 -15.00 -11.28 16.92
CA GLY A 200 -14.52 -12.51 16.32
C GLY A 200 -13.37 -13.12 17.08
N SER A 201 -12.93 -12.48 18.16
CA SER A 201 -11.83 -12.99 18.99
C SER A 201 -11.98 -14.48 19.29
N GLY A 202 -10.89 -15.21 19.18
CA GLY A 202 -10.94 -16.63 19.49
C GLY A 202 -11.24 -17.54 18.31
N LEU A 203 -11.83 -17.00 17.26
CA LEU A 203 -12.15 -17.80 16.09
C LEU A 203 -10.88 -18.14 15.33
N THR A 204 -10.80 -19.37 14.86
CA THR A 204 -9.64 -19.82 14.11
C THR A 204 -10.12 -20.83 13.09
N VAL A 205 -9.29 -21.08 12.09
CA VAL A 205 -9.61 -22.02 11.04
C VAL A 205 -8.73 -23.24 11.26
N GLU A 206 -9.11 -24.36 10.67
CA GLU A 206 -8.32 -25.59 10.78
C GLU A 206 -7.04 -25.32 9.99
N TRP A 207 -5.89 -25.38 10.65
CA TRP A 207 -4.62 -25.13 10.00
C TRP A 207 -3.45 -25.57 10.87
N GLN A 214 2.93 -27.92 1.81
CA GLN A 214 2.06 -28.73 0.97
C GLN A 214 1.27 -27.86 -0.02
N GLY A 215 1.20 -26.57 0.26
CA GLY A 215 0.46 -25.67 -0.63
C GLY A 215 -0.96 -25.50 -0.12
N LYS A 216 -1.86 -25.08 -1.00
CA LYS A 216 -3.27 -24.87 -0.64
C LYS A 216 -3.39 -23.77 0.41
N ARG A 217 -3.63 -22.55 -0.04
CA ARG A 217 -3.77 -21.42 0.85
C ARG A 217 -4.96 -21.59 1.79
N ILE A 218 -4.91 -20.87 2.91
CA ILE A 218 -5.97 -20.93 3.92
C ILE A 218 -7.21 -20.19 3.46
N SER A 219 -8.38 -20.61 3.93
CA SER A 219 -9.63 -19.97 3.58
C SER A 219 -10.49 -19.91 4.83
N VAL A 220 -11.53 -19.08 4.82
CA VAL A 220 -12.39 -18.96 5.99
C VAL A 220 -13.78 -19.45 5.68
N PRO A 221 -14.22 -20.54 6.34
CA PRO A 221 -15.56 -21.08 6.12
C PRO A 221 -16.63 -20.04 6.45
N GLU A 222 -17.70 -20.03 5.67
CA GLU A 222 -18.78 -19.07 5.86
C GLU A 222 -19.37 -19.19 7.25
N ASP A 223 -19.35 -20.39 7.80
CA ASP A 223 -19.90 -20.61 9.14
C ASP A 223 -18.98 -20.02 10.20
N VAL A 224 -17.70 -19.93 9.89
CA VAL A 224 -16.75 -19.35 10.84
C VAL A 224 -16.87 -17.83 10.75
N TYR A 225 -16.93 -17.33 9.52
CA TYR A 225 -17.05 -15.90 9.26
C TYR A 225 -18.25 -15.29 10.00
N ASP A 226 -19.43 -15.87 9.81
CA ASP A 226 -20.65 -15.38 10.45
C ASP A 226 -20.52 -15.24 11.96
N LYS A 227 -19.73 -16.10 12.58
CA LYS A 227 -19.55 -16.06 14.03
C LYS A 227 -18.79 -14.79 14.46
N GLY A 228 -18.16 -14.13 13.49
CA GLY A 228 -17.43 -12.91 13.78
C GLY A 228 -18.30 -11.68 13.55
N CYS A 229 -19.48 -11.91 12.99
CA CYS A 229 -20.42 -10.84 12.72
C CYS A 229 -21.49 -10.85 13.80
N VAL A 230 -22.22 -9.74 13.89
CA VAL A 230 -23.31 -9.60 14.84
C VAL A 230 -24.54 -9.26 14.01
N LYS A 231 -25.52 -10.15 14.04
CA LYS A 231 -26.76 -10.01 13.28
C LYS A 231 -27.84 -9.16 13.94
N ASP A 232 -27.70 -8.85 15.22
CA ASP A 232 -28.72 -8.06 15.89
C ASP A 232 -28.24 -7.32 17.14
N VAL A 233 -29.03 -6.36 17.58
CA VAL A 233 -28.68 -5.56 18.76
C VAL A 233 -28.45 -6.39 20.01
N ASP A 234 -29.23 -7.46 20.18
CA ASP A 234 -29.08 -8.32 21.35
C ASP A 234 -27.72 -8.99 21.44
N GLU A 235 -27.31 -9.73 20.42
CA GLU A 235 -26.02 -10.37 20.47
C GLU A 235 -24.92 -9.31 20.38
N GLY A 236 -25.25 -8.19 19.72
CA GLY A 236 -24.30 -7.11 19.59
C GLY A 236 -23.99 -6.55 20.96
N LEU A 237 -24.99 -6.56 21.84
CA LEU A 237 -24.80 -6.05 23.19
C LEU A 237 -24.00 -7.04 24.03
N GLU A 238 -24.18 -8.33 23.77
CA GLU A 238 -23.45 -9.34 24.53
C GLU A 238 -21.96 -9.29 24.14
N ALA A 239 -21.70 -9.13 22.85
CA ALA A 239 -20.31 -9.07 22.37
C ALA A 239 -19.63 -7.77 22.83
N ALA A 240 -20.39 -6.69 22.91
CA ALA A 240 -19.85 -5.41 23.34
C ALA A 240 -19.51 -5.41 24.82
N GLU A 241 -20.19 -6.23 25.60
CA GLU A 241 -19.93 -6.31 27.03
C GLU A 241 -18.55 -6.91 27.29
N ARG A 242 -18.22 -7.98 26.57
CA ARG A 242 -16.92 -8.61 26.74
C ARG A 242 -15.82 -7.78 26.08
N ILE A 243 -16.12 -7.15 24.96
CA ILE A 243 -15.11 -6.34 24.28
C ILE A 243 -14.77 -5.11 25.12
N GLY A 244 -15.81 -4.47 25.66
CA GLY A 244 -15.61 -3.27 26.46
C GLY A 244 -15.64 -2.00 25.63
N PHE A 245 -16.03 -0.89 26.24
CA PHE A 245 -16.12 0.40 25.55
C PHE A 245 -14.93 1.29 25.86
N PRO A 246 -14.55 2.19 24.94
CA PRO A 246 -15.13 2.44 23.61
C PRO A 246 -14.78 1.38 22.57
N LEU A 247 -15.67 1.21 21.59
CA LEU A 247 -15.46 0.23 20.53
C LEU A 247 -16.09 0.72 19.23
N MET A 248 -15.69 0.11 18.11
CA MET A 248 -16.23 0.51 16.82
C MET A 248 -17.19 -0.51 16.20
N ILE A 249 -18.28 -0.01 15.66
CA ILE A 249 -19.26 -0.84 14.99
C ILE A 249 -18.94 -0.56 13.53
N LYS A 250 -18.52 -1.59 12.81
CA LYS A 250 -18.16 -1.42 11.41
C LYS A 250 -18.85 -2.42 10.50
N ALA A 251 -19.20 -1.96 9.31
CA ALA A 251 -19.84 -2.81 8.32
C ALA A 251 -18.73 -3.15 7.31
N SER A 252 -18.40 -4.44 7.18
CA SER A 252 -17.36 -4.83 6.25
C SER A 252 -17.48 -4.22 4.86
N GLU A 253 -18.70 -4.16 4.31
CA GLU A 253 -18.87 -3.58 2.96
C GLU A 253 -18.70 -2.06 2.99
N GLY A 254 -18.53 -1.50 4.19
CA GLY A 254 -18.36 -0.07 4.32
C GLY A 254 -16.92 0.39 4.15
N GLY A 255 -16.75 1.68 3.89
CA GLY A 255 -15.42 2.22 3.70
C GLY A 255 -15.40 3.69 3.39
N GLY A 256 -14.28 4.34 3.68
CA GLY A 256 -14.15 5.76 3.42
C GLY A 256 -15.03 6.59 4.34
N GLY A 257 -15.10 6.18 5.61
CA GLY A 257 -15.92 6.90 6.58
C GLY A 257 -17.38 6.52 6.55
N LYS A 258 -17.72 5.54 5.71
CA LYS A 258 -19.09 5.08 5.58
C LYS A 258 -19.36 3.78 6.36
N GLY A 259 -20.52 3.69 7.01
CA GLY A 259 -20.85 2.49 7.75
C GLY A 259 -19.99 2.20 8.96
N ILE A 260 -19.43 3.25 9.54
CA ILE A 260 -18.59 3.15 10.73
C ILE A 260 -19.23 4.04 11.79
N ARG A 261 -19.13 3.63 13.04
CA ARG A 261 -19.71 4.40 14.12
C ARG A 261 -19.00 3.99 15.42
N LYS A 262 -18.74 4.96 16.29
CA LYS A 262 -18.07 4.68 17.54
C LYS A 262 -19.07 4.67 18.69
N ALA A 263 -19.07 3.58 19.46
CA ALA A 263 -19.96 3.45 20.61
C ALA A 263 -19.19 3.72 21.88
N GLU A 264 -19.73 4.59 22.73
CA GLU A 264 -19.03 4.90 23.97
C GLU A 264 -19.61 4.17 25.17
N SER A 265 -20.86 3.74 25.05
CA SER A 265 -21.51 3.04 26.15
C SER A 265 -22.53 2.06 25.63
N ALA A 266 -22.92 1.13 26.49
CA ALA A 266 -23.90 0.13 26.13
C ALA A 266 -25.24 0.78 25.85
N GLU A 267 -25.44 1.99 26.39
CA GLU A 267 -26.70 2.69 26.18
C GLU A 267 -26.87 3.22 24.75
N ASP A 268 -25.78 3.73 24.17
CA ASP A 268 -25.81 4.25 22.81
C ASP A 268 -25.64 3.15 21.76
N PHE A 269 -25.17 1.99 22.18
CA PHE A 269 -24.93 0.93 21.24
C PHE A 269 -26.07 0.68 20.22
N PRO A 270 -27.29 0.41 20.69
CA PRO A 270 -28.45 0.15 19.83
C PRO A 270 -28.64 1.17 18.71
N ILE A 271 -28.69 2.45 19.08
CA ILE A 271 -28.88 3.49 18.07
C ILE A 271 -27.77 3.43 17.02
N LEU A 272 -26.52 3.37 17.50
CA LEU A 272 -25.38 3.35 16.61
C LEU A 272 -25.37 2.15 15.68
N PHE A 273 -25.65 0.98 16.25
CA PHE A 273 -25.69 -0.26 15.50
C PHE A 273 -26.71 -0.21 14.38
N ARG A 274 -27.87 0.36 14.69
CA ARG A 274 -28.92 0.50 13.69
C ARG A 274 -28.60 1.59 12.68
N GLN A 275 -27.85 2.60 13.08
CA GLN A 275 -27.47 3.66 12.15
C GLN A 275 -26.58 3.04 11.09
N VAL A 276 -25.73 2.10 11.51
CA VAL A 276 -24.83 1.43 10.57
C VAL A 276 -25.63 0.57 9.59
N GLN A 277 -26.66 -0.11 10.11
CA GLN A 277 -27.51 -0.95 9.27
C GLN A 277 -28.21 -0.13 8.19
N SER A 278 -28.71 1.04 8.59
CA SER A 278 -29.43 1.96 7.71
C SER A 278 -28.52 2.49 6.60
N GLU A 279 -27.29 2.86 6.98
CA GLU A 279 -26.31 3.40 6.05
C GLU A 279 -25.88 2.38 4.99
N ILE A 280 -25.49 1.18 5.42
CA ILE A 280 -25.09 0.13 4.47
C ILE A 280 -25.94 -1.12 4.70
N PRO A 281 -27.23 -1.04 4.40
CA PRO A 281 -28.16 -2.16 4.58
C PRO A 281 -27.79 -3.47 3.91
N GLY A 282 -28.00 -4.57 4.62
CA GLY A 282 -27.70 -5.90 4.10
C GLY A 282 -26.27 -6.36 4.25
N SER A 283 -25.43 -5.53 4.85
CA SER A 283 -24.02 -5.84 5.04
C SER A 283 -23.66 -6.44 6.39
N PRO A 284 -22.66 -7.34 6.41
CA PRO A 284 -22.24 -7.97 7.67
C PRO A 284 -21.62 -6.87 8.53
N ILE A 285 -21.79 -7.02 9.84
CA ILE A 285 -21.29 -6.04 10.79
C ILE A 285 -20.48 -6.69 11.91
N PHE A 286 -19.35 -6.09 12.27
CA PHE A 286 -18.54 -6.62 13.36
C PHE A 286 -18.19 -5.50 14.32
N LEU A 287 -17.67 -5.87 15.48
CA LEU A 287 -17.29 -4.91 16.50
C LEU A 287 -15.80 -5.04 16.82
N MET A 288 -15.13 -3.91 17.05
CA MET A 288 -13.71 -3.95 17.38
C MET A 288 -13.36 -2.88 18.41
N LYS A 289 -12.56 -3.27 19.39
CA LYS A 289 -12.11 -2.37 20.44
C LYS A 289 -11.42 -1.19 19.78
N LEU A 290 -11.69 0.01 20.29
CA LEU A 290 -11.10 1.20 19.73
C LEU A 290 -9.63 1.35 20.10
N ALA A 291 -8.81 1.64 19.09
CA ALA A 291 -7.37 1.83 19.28
C ALA A 291 -7.14 3.03 20.20
N GLN A 292 -6.71 2.76 21.42
CA GLN A 292 -6.46 3.80 22.41
C GLN A 292 -5.39 4.82 21.98
N HIS A 293 -4.24 4.74 22.65
CA HIS A 293 -3.13 5.63 22.38
C HIS A 293 -1.99 4.84 21.76
N ALA A 294 -2.23 4.32 20.57
CA ALA A 294 -1.22 3.52 19.92
C ALA A 294 -0.61 4.16 18.68
N ARG A 295 0.54 3.62 18.29
CA ARG A 295 1.25 4.04 17.10
C ARG A 295 0.79 3.10 15.97
N HIS A 296 0.94 3.54 14.72
CA HIS A 296 0.58 2.71 13.58
C HIS A 296 1.85 2.41 12.80
N LEU A 297 2.19 1.14 12.72
CA LEU A 297 3.37 0.74 11.98
C LEU A 297 2.96 -0.15 10.84
N GLU A 298 3.66 -0.04 9.72
CA GLU A 298 3.36 -0.86 8.57
C GLU A 298 4.61 -1.58 8.14
N VAL A 299 4.46 -2.80 7.66
CA VAL A 299 5.58 -3.57 7.17
C VAL A 299 5.36 -3.75 5.67
N GLN A 300 6.34 -3.36 4.86
CA GLN A 300 6.24 -3.51 3.42
C GLN A 300 6.54 -4.97 3.07
N ILE A 301 5.72 -5.55 2.20
CA ILE A 301 5.88 -6.94 1.78
C ILE A 301 5.99 -7.06 0.26
N LEU A 302 6.80 -8.02 -0.21
CA LEU A 302 6.97 -8.27 -1.64
C LEU A 302 7.06 -9.79 -1.82
N ALA A 303 6.15 -10.36 -2.60
CA ALA A 303 6.12 -11.80 -2.82
C ALA A 303 6.08 -12.18 -4.29
N ASP A 304 6.68 -13.32 -4.61
CA ASP A 304 6.67 -13.80 -5.99
C ASP A 304 5.53 -14.79 -6.16
N GLN A 305 5.57 -15.53 -7.27
CA GLN A 305 4.55 -16.50 -7.60
C GLN A 305 4.92 -17.91 -7.20
N TYR A 306 5.95 -18.03 -6.37
CA TYR A 306 6.45 -19.34 -5.94
C TYR A 306 6.46 -19.48 -4.43
N GLY A 307 5.65 -18.68 -3.76
CA GLY A 307 5.60 -18.77 -2.32
C GLY A 307 6.64 -17.97 -1.57
N ASN A 308 7.64 -17.41 -2.25
CA ASN A 308 8.66 -16.61 -1.57
C ASN A 308 8.11 -15.22 -1.26
N ALA A 309 8.55 -14.66 -0.13
CA ALA A 309 8.12 -13.34 0.29
C ALA A 309 9.20 -12.76 1.17
N VAL A 310 9.35 -11.44 1.13
CA VAL A 310 10.35 -10.75 1.93
C VAL A 310 9.76 -9.46 2.43
N SER A 311 10.33 -8.94 3.50
CA SER A 311 9.88 -7.67 4.06
C SER A 311 10.85 -6.59 3.57
N LEU A 312 10.33 -5.40 3.29
CA LEU A 312 11.19 -4.29 2.86
C LEU A 312 11.08 -3.24 3.96
N PHE A 313 11.49 -3.65 5.16
CA PHE A 313 11.44 -2.81 6.36
C PHE A 313 10.00 -2.36 6.50
N GLY A 314 9.79 -1.20 7.10
CA GLY A 314 8.43 -0.74 7.25
C GLY A 314 8.37 0.76 7.33
N ARG A 315 7.18 1.26 7.65
CA ARG A 315 6.97 2.68 7.74
C ARG A 315 6.14 2.98 8.98
N ASP A 316 6.23 4.22 9.44
CA ASP A 316 5.48 4.69 10.59
C ASP A 316 4.46 5.72 10.12
N CYS A 317 3.18 5.43 10.34
CA CYS A 317 2.12 6.34 9.94
C CYS A 317 1.20 6.59 11.13
N SER A 318 1.80 6.99 12.26
CA SER A 318 1.06 7.27 13.49
C SER A 318 0.34 8.60 13.46
N ILE A 319 0.98 9.59 12.83
CA ILE A 319 0.40 10.92 12.75
C ILE A 319 -0.67 10.95 11.67
N GLN A 320 -1.91 10.84 12.12
CA GLN A 320 -3.05 10.82 11.21
C GLN A 320 -4.07 11.85 11.66
N ARG A 321 -4.91 12.27 10.74
CA ARG A 321 -5.94 13.25 11.04
C ARG A 321 -7.25 12.72 10.50
N ARG A 322 -7.96 11.99 11.37
CA ARG A 322 -9.24 11.41 11.02
C ARG A 322 -9.15 10.51 9.78
N HIS A 323 -8.52 9.35 9.98
CA HIS A 323 -8.34 8.35 8.92
C HIS A 323 -7.60 8.94 7.73
N GLN A 324 -6.54 9.69 7.99
CA GLN A 324 -5.77 10.30 6.90
C GLN A 324 -4.31 10.41 7.30
N LYS A 325 -3.43 9.73 6.57
CA LYS A 325 -2.00 9.77 6.89
C LYS A 325 -1.39 11.13 6.57
N ILE A 326 -0.96 11.82 7.62
CA ILE A 326 -0.40 13.16 7.49
C ILE A 326 1.12 13.15 7.41
N VAL A 327 1.75 12.45 8.34
CA VAL A 327 3.20 12.36 8.39
C VAL A 327 3.61 10.90 8.46
N GLU A 328 4.52 10.51 7.59
CA GLU A 328 4.97 9.13 7.55
C GLU A 328 6.49 9.10 7.62
N GLU A 329 7.05 8.07 8.25
CA GLU A 329 8.51 7.91 8.36
C GLU A 329 8.96 6.50 7.93
N ALA A 330 10.17 6.40 7.41
CA ALA A 330 10.74 5.12 7.01
C ALA A 330 12.26 5.13 7.22
N PRO A 331 12.79 4.11 7.90
CA PRO A 331 11.98 3.00 8.43
C PRO A 331 11.27 3.43 9.70
N ALA A 332 10.63 2.48 10.37
CA ALA A 332 9.97 2.79 11.63
C ALA A 332 11.10 2.58 12.64
N THR A 333 11.13 3.37 13.71
CA THR A 333 12.18 3.24 14.72
C THR A 333 11.67 3.30 16.15
N ILE A 334 10.38 3.58 16.30
CA ILE A 334 9.78 3.70 17.62
C ILE A 334 9.76 2.37 18.40
N ALA A 335 9.73 1.26 17.67
CA ALA A 335 9.73 -0.05 18.28
C ALA A 335 11.13 -0.65 18.17
N PRO A 336 11.57 -1.42 19.17
CA PRO A 336 12.89 -2.06 19.17
C PRO A 336 13.03 -2.90 17.90
N LEU A 337 14.23 -2.96 17.34
CA LEU A 337 14.47 -3.73 16.11
C LEU A 337 14.01 -5.19 16.17
N ALA A 338 14.22 -5.85 17.31
CA ALA A 338 13.86 -7.26 17.48
C ALA A 338 12.34 -7.48 17.46
N ILE A 339 11.60 -6.54 18.03
CA ILE A 339 10.15 -6.64 18.04
C ILE A 339 9.68 -6.36 16.62
N PHE A 340 10.19 -5.29 16.02
CA PHE A 340 9.81 -4.95 14.67
C PHE A 340 10.11 -6.09 13.69
N GLU A 341 11.20 -6.82 13.91
CA GLU A 341 11.54 -7.94 13.05
C GLU A 341 10.51 -9.04 13.25
N PHE A 342 9.96 -9.12 14.46
CA PHE A 342 8.93 -10.13 14.72
C PHE A 342 7.70 -9.75 13.90
N MET A 343 7.37 -8.45 13.89
CA MET A 343 6.23 -7.96 13.11
C MET A 343 6.43 -8.30 11.63
N GLU A 344 7.67 -8.21 11.17
CA GLU A 344 7.99 -8.55 9.79
C GLU A 344 7.72 -10.04 9.56
N GLN A 345 8.17 -10.87 10.50
CA GLN A 345 7.99 -12.33 10.43
C GLN A 345 6.51 -12.70 10.37
N CYS A 346 5.69 -11.99 11.14
CA CYS A 346 4.25 -12.26 11.14
C CYS A 346 3.63 -11.84 9.81
N ALA A 347 4.08 -10.69 9.30
CA ALA A 347 3.58 -10.17 8.03
C ALA A 347 3.89 -11.14 6.89
N ILE A 348 5.07 -11.76 6.93
CA ILE A 348 5.48 -12.72 5.90
C ILE A 348 4.70 -14.03 5.99
N ARG A 349 4.45 -14.51 7.21
CA ARG A 349 3.71 -15.76 7.41
C ARG A 349 2.28 -15.58 6.92
N LEU A 350 1.72 -14.42 7.22
CA LEU A 350 0.36 -14.10 6.81
C LEU A 350 0.27 -14.07 5.29
N ALA A 351 1.29 -13.51 4.65
CA ALA A 351 1.33 -13.41 3.19
C ALA A 351 1.47 -14.78 2.51
N LYS A 352 2.40 -15.59 3.01
CA LYS A 352 2.66 -16.91 2.47
C LYS A 352 1.46 -17.86 2.61
N THR A 353 0.83 -17.84 3.78
CA THR A 353 -0.32 -18.69 4.06
C THR A 353 -1.52 -18.47 3.15
N VAL A 354 -1.71 -17.24 2.71
CA VAL A 354 -2.84 -16.90 1.85
C VAL A 354 -2.42 -16.90 0.39
N GLY A 355 -1.13 -17.14 0.15
CA GLY A 355 -0.64 -17.19 -1.22
C GLY A 355 -0.59 -15.82 -1.89
N TYR A 356 -0.25 -14.82 -1.10
CA TYR A 356 -0.16 -13.46 -1.60
C TYR A 356 0.91 -13.35 -2.69
N VAL A 357 0.69 -12.43 -3.62
CA VAL A 357 1.63 -12.19 -4.71
C VAL A 357 1.71 -10.66 -4.89
N SER A 358 2.88 -10.20 -5.29
CA SER A 358 3.13 -8.78 -5.54
C SER A 358 3.43 -7.98 -4.27
N ALA A 359 3.21 -6.67 -4.33
CA ALA A 359 3.48 -5.77 -3.22
C ALA A 359 2.29 -5.55 -2.32
N GLY A 360 2.55 -5.35 -1.03
CA GLY A 360 1.48 -5.13 -0.07
C GLY A 360 1.95 -4.59 1.26
N THR A 361 1.00 -4.18 2.08
CA THR A 361 1.28 -3.62 3.39
C THR A 361 0.47 -4.25 4.53
N VAL A 362 1.16 -4.58 5.62
CA VAL A 362 0.50 -5.12 6.80
C VAL A 362 0.64 -4.03 7.86
N GLU A 363 -0.50 -3.55 8.34
CA GLU A 363 -0.49 -2.50 9.34
C GLU A 363 -0.64 -3.06 10.76
N TYR A 364 0.20 -2.59 11.67
CA TYR A 364 0.14 -3.05 13.04
C TYR A 364 -0.12 -1.89 14.00
N LEU A 365 -0.61 -2.22 15.17
CA LEU A 365 -0.87 -1.23 16.20
C LEU A 365 0.23 -1.50 17.24
N TYR A 366 1.03 -0.47 17.56
CA TYR A 366 2.09 -0.61 18.54
C TYR A 366 1.68 0.23 19.75
N SER A 367 1.70 -0.39 20.92
CA SER A 367 1.30 0.31 22.13
C SER A 367 2.44 0.84 22.96
N GLN A 368 2.11 1.83 23.81
CA GLN A 368 3.06 2.47 24.69
C GLN A 368 3.90 1.47 25.47
N ASP A 369 3.30 0.37 25.92
CA ASP A 369 4.04 -0.66 26.65
C ASP A 369 5.10 -1.30 25.77
N GLY A 370 4.67 -2.15 24.83
CA GLY A 370 5.61 -2.80 23.94
C GLY A 370 4.93 -3.88 23.14
N SER A 371 3.61 -3.96 23.29
CA SER A 371 2.82 -4.96 22.60
C SER A 371 2.39 -4.44 21.25
N PHE A 372 1.98 -5.37 20.38
CA PHE A 372 1.50 -4.97 19.07
C PHE A 372 0.36 -5.90 18.66
N HIS A 373 -0.48 -5.43 17.74
CA HIS A 373 -1.61 -6.19 17.25
C HIS A 373 -1.77 -5.94 15.76
N PHE A 374 -2.20 -6.97 15.05
CA PHE A 374 -2.44 -6.89 13.63
C PHE A 374 -3.67 -6.03 13.41
N LEU A 375 -3.59 -5.09 12.47
CA LEU A 375 -4.74 -4.24 12.15
C LEU A 375 -5.38 -4.72 10.85
N GLU A 376 -4.70 -4.52 9.74
CA GLU A 376 -5.20 -4.94 8.44
C GLU A 376 -4.05 -5.12 7.47
N LEU A 377 -4.38 -5.56 6.26
CA LEU A 377 -3.39 -5.75 5.21
C LEU A 377 -3.91 -5.06 3.96
N ASN A 378 -3.11 -4.12 3.44
CA ASN A 378 -3.47 -3.39 2.21
C ASN A 378 -2.90 -4.18 1.03
N PRO A 379 -3.76 -4.89 0.27
CA PRO A 379 -3.37 -5.70 -0.88
C PRO A 379 -3.01 -4.88 -2.11
N ARG A 380 -2.15 -3.89 -1.93
CA ARG A 380 -1.77 -3.05 -3.03
C ARG A 380 -0.70 -2.10 -2.57
N LEU A 381 -0.19 -1.34 -3.52
CA LEU A 381 0.82 -0.34 -3.26
C LEU A 381 0.07 0.88 -2.73
N GLN A 382 0.78 1.77 -2.04
CA GLN A 382 0.17 3.01 -1.53
C GLN A 382 0.97 4.18 -2.09
N VAL A 383 0.37 5.38 -2.09
CA VAL A 383 1.04 6.56 -2.62
C VAL A 383 2.40 6.85 -1.97
N GLU A 384 2.59 6.40 -0.73
CA GLU A 384 3.83 6.60 0.02
C GLU A 384 4.90 5.50 -0.17
N HIS A 385 4.69 4.58 -1.10
CA HIS A 385 5.67 3.50 -1.33
C HIS A 385 7.06 4.06 -1.63
N PRO A 386 7.15 5.27 -2.19
CA PRO A 386 8.51 5.75 -2.46
C PRO A 386 9.42 5.85 -1.23
N CYS A 387 8.84 6.06 -0.05
CA CYS A 387 9.67 6.14 1.16
C CYS A 387 10.43 4.83 1.30
N THR A 388 9.71 3.74 1.08
CA THR A 388 10.27 2.40 1.16
C THR A 388 11.27 2.17 0.01
N GLU A 389 10.94 2.63 -1.19
CA GLU A 389 11.82 2.45 -2.34
C GLU A 389 13.19 3.09 -2.11
N MET A 390 13.17 4.25 -1.45
CA MET A 390 14.38 5.01 -1.17
C MET A 390 15.30 4.37 -0.14
N ILE A 391 14.75 3.90 0.99
CA ILE A 391 15.60 3.29 2.00
C ILE A 391 15.98 1.85 1.69
N ALA A 392 15.29 1.22 0.75
CA ALA A 392 15.61 -0.16 0.39
C ALA A 392 16.20 -0.27 -1.01
N ASP A 393 16.27 0.86 -1.71
CA ASP A 393 16.78 0.95 -3.08
C ASP A 393 16.14 -0.12 -3.97
N VAL A 394 14.82 -0.23 -3.83
CA VAL A 394 14.06 -1.19 -4.60
C VAL A 394 13.03 -0.41 -5.41
N ASN A 395 12.95 -0.72 -6.70
CA ASN A 395 12.00 -0.10 -7.61
C ASN A 395 10.73 -0.97 -7.54
N LEU A 396 9.81 -0.57 -6.67
CA LEU A 396 8.58 -1.33 -6.48
C LEU A 396 7.74 -1.63 -7.73
N PRO A 397 7.38 -0.61 -8.52
CA PRO A 397 6.58 -0.88 -9.72
C PRO A 397 7.26 -1.84 -10.70
N ALA A 398 8.58 -1.72 -10.83
CA ALA A 398 9.33 -2.59 -11.73
C ALA A 398 9.38 -3.98 -11.12
N ALA A 399 9.40 -4.05 -9.80
CA ALA A 399 9.40 -5.33 -9.11
C ALA A 399 8.05 -6.01 -9.38
N GLN A 400 6.99 -5.23 -9.34
CA GLN A 400 5.65 -5.75 -9.62
C GLN A 400 5.56 -6.33 -11.03
N LEU A 401 6.11 -5.61 -12.00
CA LEU A 401 6.06 -6.05 -13.38
C LEU A 401 6.84 -7.33 -13.60
N GLN A 402 8.06 -7.39 -13.06
CA GLN A 402 8.86 -8.59 -13.22
C GLN A 402 8.21 -9.78 -12.53
N ILE A 403 7.67 -9.55 -11.32
CA ILE A 403 7.00 -10.59 -10.59
C ILE A 403 5.83 -11.17 -11.41
N ALA A 404 5.07 -10.31 -12.09
CA ALA A 404 3.95 -10.80 -12.90
C ALA A 404 4.46 -11.51 -14.15
N MET A 405 5.75 -11.38 -14.44
CA MET A 405 6.33 -12.08 -15.59
C MET A 405 6.79 -13.48 -15.19
N GLY A 406 6.69 -13.79 -13.90
CA GLY A 406 7.09 -15.09 -13.40
C GLY A 406 8.51 -15.17 -12.83
N VAL A 407 9.18 -14.02 -12.76
CA VAL A 407 10.54 -13.93 -12.24
C VAL A 407 10.57 -14.13 -10.71
N PRO A 408 11.38 -15.07 -10.22
CA PRO A 408 11.45 -15.30 -8.76
C PRO A 408 12.16 -14.17 -8.01
N LEU A 409 11.82 -13.99 -6.74
CA LEU A 409 12.40 -12.95 -5.90
C LEU A 409 13.93 -12.94 -5.95
N HIS A 410 14.53 -14.13 -5.82
CA HIS A 410 16.00 -14.26 -5.81
C HIS A 410 16.63 -13.87 -7.14
N ARG A 411 15.80 -13.64 -8.15
CA ARG A 411 16.29 -13.25 -9.46
C ARG A 411 16.06 -11.77 -9.77
N LEU A 412 15.67 -11.00 -8.74
CA LEU A 412 15.44 -9.57 -8.89
C LEU A 412 16.71 -8.81 -8.45
N LYS A 413 17.31 -8.08 -9.38
CA LYS A 413 18.54 -7.34 -9.10
C LYS A 413 18.49 -6.56 -7.78
N ASP A 414 17.51 -5.68 -7.64
CA ASP A 414 17.37 -4.88 -6.42
C ASP A 414 17.33 -5.73 -5.15
N ILE A 415 16.62 -6.84 -5.21
CA ILE A 415 16.50 -7.72 -4.06
C ILE A 415 17.82 -8.41 -3.76
N ARG A 416 18.58 -8.75 -4.79
CA ARG A 416 19.88 -9.38 -4.62
C ARG A 416 20.85 -8.40 -3.93
N LEU A 417 20.87 -7.15 -4.40
CA LEU A 417 21.76 -6.14 -3.82
C LEU A 417 21.39 -5.83 -2.36
N LEU A 418 20.09 -5.78 -2.08
CA LEU A 418 19.62 -5.51 -0.73
C LEU A 418 20.14 -6.57 0.23
N TYR A 419 20.22 -7.81 -0.28
CA TYR A 419 20.68 -8.92 0.51
C TYR A 419 22.16 -9.21 0.31
N GLY A 420 22.87 -8.21 -0.20
CA GLY A 420 24.30 -8.32 -0.43
C GLY A 420 24.74 -9.51 -1.27
N GLU A 421 24.06 -9.74 -2.39
CA GLU A 421 24.44 -10.83 -3.29
C GLU A 421 24.89 -10.19 -4.60
N SER A 422 25.31 -11.02 -5.54
CA SER A 422 25.75 -10.54 -6.85
C SER A 422 24.54 -10.00 -7.60
N PRO A 423 24.73 -8.88 -8.31
CA PRO A 423 23.67 -8.22 -9.09
C PRO A 423 22.94 -9.16 -10.05
N TRP A 424 23.69 -10.01 -10.73
CA TRP A 424 23.09 -10.90 -11.70
C TRP A 424 23.27 -12.39 -11.45
N GLY A 425 23.44 -12.78 -10.19
CA GLY A 425 23.60 -14.18 -9.88
C GLY A 425 22.27 -14.91 -9.88
N VAL A 426 22.34 -16.23 -9.97
CA VAL A 426 21.14 -17.08 -9.99
C VAL A 426 21.01 -17.85 -8.67
N THR A 427 22.00 -17.69 -7.80
CA THR A 427 22.01 -18.37 -6.51
C THR A 427 20.85 -17.94 -5.59
N PRO A 428 20.00 -18.89 -5.19
CA PRO A 428 18.87 -18.59 -4.31
C PRO A 428 19.32 -17.90 -3.02
N ILE A 429 18.48 -17.02 -2.49
CA ILE A 429 18.82 -16.30 -1.27
C ILE A 429 17.95 -16.72 -0.10
N SER A 430 18.58 -16.90 1.06
CA SER A 430 17.89 -17.31 2.27
C SER A 430 17.39 -16.06 3.00
N PHE A 431 16.17 -15.66 2.72
CA PHE A 431 15.59 -14.46 3.33
C PHE A 431 15.34 -14.65 4.82
N GLU A 432 15.29 -15.91 5.25
CA GLU A 432 15.06 -16.24 6.66
C GLU A 432 16.28 -15.86 7.50
N THR A 433 17.43 -16.43 7.15
CA THR A 433 18.67 -16.15 7.87
C THR A 433 19.78 -15.80 6.88
N PRO A 434 19.71 -14.59 6.30
CA PRO A 434 20.71 -14.10 5.33
C PRO A 434 22.09 -13.88 5.92
N SER A 435 23.12 -14.13 5.10
CA SER A 435 24.51 -13.97 5.51
C SER A 435 24.90 -12.50 5.50
N ASN A 436 24.21 -11.71 4.69
CA ASN A 436 24.49 -10.29 4.60
C ASN A 436 23.23 -9.52 5.04
N PRO A 437 23.05 -9.35 6.36
CA PRO A 437 21.90 -8.64 6.92
C PRO A 437 21.55 -7.37 6.14
N PRO A 438 20.37 -7.34 5.52
CA PRO A 438 20.01 -6.14 4.75
C PRO A 438 19.74 -4.95 5.67
N LEU A 439 20.30 -3.80 5.29
CA LEU A 439 20.14 -2.59 6.08
C LEU A 439 19.43 -1.48 5.32
N ALA A 440 18.68 -0.66 6.04
CA ALA A 440 17.96 0.46 5.45
C ALA A 440 18.93 1.63 5.30
N ARG A 441 18.95 2.24 4.13
CA ARG A 441 19.84 3.36 3.84
C ARG A 441 19.21 4.74 4.11
N GLY A 442 19.63 5.37 5.20
CA GLY A 442 19.11 6.67 5.55
C GLY A 442 17.74 6.69 6.19
N HIS A 443 17.11 7.86 6.14
CA HIS A 443 15.79 8.04 6.73
C HIS A 443 14.95 8.89 5.80
N VAL A 444 13.64 8.66 5.84
CA VAL A 444 12.72 9.40 5.01
C VAL A 444 11.54 9.96 5.80
N ILE A 445 11.13 11.18 5.45
CA ILE A 445 9.97 11.78 6.08
C ILE A 445 9.08 12.18 4.90
N ALA A 446 7.79 11.84 4.98
CA ALA A 446 6.84 12.19 3.94
C ALA A 446 5.72 12.95 4.62
N ALA A 447 5.19 13.95 3.94
CA ALA A 447 4.11 14.74 4.52
C ALA A 447 3.06 14.99 3.48
N ARG A 448 1.80 15.00 3.91
CA ARG A 448 0.69 15.25 3.02
C ARG A 448 0.51 16.77 3.01
N ILE A 449 0.35 17.36 1.82
CA ILE A 449 0.15 18.80 1.71
C ILE A 449 -1.18 19.11 1.03
N THR A 450 -1.84 20.17 1.47
CA THR A 450 -3.12 20.55 0.88
C THR A 450 -3.17 22.06 0.60
N SER A 451 -3.98 22.44 -0.37
CA SER A 451 -4.13 23.83 -0.76
C SER A 451 -5.26 24.51 0.01
N SER A 462 -8.14 15.48 -10.07
CA SER A 462 -8.04 15.24 -11.51
C SER A 462 -6.72 14.52 -11.85
N GLY A 463 -6.46 14.41 -13.15
CA GLY A 463 -5.25 13.77 -13.64
C GLY A 463 -4.04 14.68 -13.80
N THR A 464 -4.23 16.00 -13.70
CA THR A 464 -3.09 16.91 -13.83
C THR A 464 -2.29 16.93 -12.53
N VAL A 465 -0.98 16.81 -12.67
CA VAL A 465 -0.07 16.81 -11.53
C VAL A 465 0.96 17.92 -11.69
N GLN A 466 1.40 18.49 -10.57
CA GLN A 466 2.41 19.54 -10.57
C GLN A 466 3.60 19.08 -9.75
N GLU A 467 4.75 18.89 -10.40
CA GLU A 467 5.97 18.47 -9.71
C GLU A 467 6.51 19.66 -8.90
N LEU A 468 6.81 19.43 -7.63
CA LEU A 468 7.36 20.50 -6.81
C LEU A 468 8.84 20.26 -6.59
N ASN A 469 9.65 21.26 -6.93
CA ASN A 469 11.08 21.15 -6.72
C ASN A 469 11.47 22.30 -5.81
N PHE A 470 12.45 22.07 -4.95
CA PHE A 470 12.86 23.09 -4.01
C PHE A 470 14.32 23.49 -4.20
N ARG A 471 14.57 24.79 -4.16
CA ARG A 471 15.92 25.31 -4.31
C ARG A 471 16.70 25.08 -3.02
N SER A 472 15.97 24.92 -1.92
CA SER A 472 16.55 24.68 -0.61
C SER A 472 17.36 23.41 -0.62
N SER A 473 16.66 22.28 -0.55
CA SER A 473 17.27 20.97 -0.53
C SER A 473 17.00 20.17 -1.79
N LYS A 474 18.08 19.63 -2.37
CA LYS A 474 17.98 18.80 -3.55
C LYS A 474 17.54 17.39 -3.14
N ASN A 475 17.34 17.18 -1.84
CA ASN A 475 16.91 15.88 -1.32
C ASN A 475 15.44 15.81 -1.00
N VAL A 476 14.66 16.69 -1.62
CA VAL A 476 13.22 16.73 -1.38
C VAL A 476 12.49 16.80 -2.71
N TRP A 477 11.41 16.05 -2.82
CA TRP A 477 10.60 16.05 -4.02
C TRP A 477 9.14 16.13 -3.62
N GLY A 478 8.32 16.74 -4.47
CA GLY A 478 6.92 16.85 -4.15
C GLY A 478 6.05 16.99 -5.37
N TYR A 479 4.74 16.98 -5.16
CA TYR A 479 3.75 17.14 -6.22
C TYR A 479 2.43 17.48 -5.54
N PHE A 480 1.46 17.92 -6.33
CA PHE A 480 0.13 18.24 -5.85
C PHE A 480 -0.77 18.20 -7.07
N SER A 481 -2.04 17.90 -6.86
CA SER A 481 -2.98 17.83 -7.96
C SER A 481 -4.14 18.80 -7.81
N VAL A 482 -4.30 19.67 -8.80
CA VAL A 482 -5.40 20.64 -8.80
C VAL A 482 -6.70 19.90 -9.09
N ALA A 483 -7.80 20.42 -8.56
CA ALA A 483 -9.12 19.84 -8.73
C ALA A 483 -9.54 19.74 -10.20
N SER A 494 -8.03 24.28 -5.83
CA SER A 494 -6.99 23.25 -5.92
C SER A 494 -7.20 22.16 -4.87
N GLN A 495 -6.19 21.31 -4.68
CA GLN A 495 -6.29 20.24 -3.69
C GLN A 495 -4.96 19.81 -3.05
N PHE A 496 -4.75 18.50 -2.89
CA PHE A 496 -3.56 17.98 -2.21
C PHE A 496 -2.42 17.33 -2.99
N GLY A 497 -1.38 16.97 -2.24
CA GLY A 497 -0.20 16.32 -2.78
C GLY A 497 0.65 15.75 -1.65
N HIS A 498 1.91 15.42 -1.96
CA HIS A 498 2.82 14.89 -0.96
C HIS A 498 4.23 15.38 -1.18
N CYS A 499 4.97 15.53 -0.09
CA CYS A 499 6.37 15.90 -0.16
C CYS A 499 7.14 14.73 0.44
N PHE A 500 8.33 14.48 -0.09
CA PHE A 500 9.17 13.38 0.36
C PHE A 500 10.58 13.91 0.65
N SER A 501 11.09 13.62 1.84
CA SER A 501 12.42 14.10 2.23
C SER A 501 13.33 12.95 2.69
N TRP A 502 14.56 12.97 2.19
CA TRP A 502 15.56 11.97 2.56
C TRP A 502 16.71 12.64 3.31
N GLY A 503 17.38 11.86 4.15
CA GLY A 503 18.51 12.38 4.91
C GLY A 503 19.32 11.19 5.41
N GLU A 504 20.61 11.41 5.66
CA GLU A 504 21.49 10.35 6.16
C GLU A 504 20.96 9.77 7.46
N ASN A 505 20.19 10.57 8.17
CA ASN A 505 19.55 10.13 9.41
C ASN A 505 18.23 10.89 9.60
N ARG A 506 17.47 10.53 10.64
CA ARG A 506 16.17 11.14 10.90
C ARG A 506 16.15 12.67 11.05
N GLU A 507 17.16 13.21 11.72
CA GLU A 507 17.25 14.65 11.95
C GLU A 507 17.45 15.43 10.64
N GLU A 508 18.33 14.95 9.78
CA GLU A 508 18.54 15.66 8.51
C GLU A 508 17.33 15.51 7.58
N ALA A 509 16.59 14.42 7.72
CA ALA A 509 15.42 14.20 6.88
C ALA A 509 14.33 15.18 7.34
N ILE A 510 14.20 15.35 8.65
CA ILE A 510 13.20 16.28 9.16
C ILE A 510 13.58 17.72 8.80
N SER A 511 14.85 18.04 8.92
CA SER A 511 15.33 19.38 8.61
C SER A 511 15.09 19.73 7.14
N ASN A 512 15.40 18.80 6.24
CA ASN A 512 15.21 19.03 4.82
C ASN A 512 13.74 19.29 4.55
N MET A 513 12.87 18.53 5.21
CA MET A 513 11.44 18.69 5.06
C MET A 513 11.02 20.08 5.53
N VAL A 514 11.43 20.46 6.74
CA VAL A 514 11.07 21.78 7.27
C VAL A 514 11.48 22.89 6.30
N VAL A 515 12.72 22.85 5.83
CA VAL A 515 13.19 23.87 4.89
C VAL A 515 12.34 23.94 3.60
N ALA A 516 12.08 22.79 2.98
CA ALA A 516 11.28 22.78 1.76
C ALA A 516 9.84 23.26 2.02
N LEU A 517 9.30 22.94 3.18
CA LEU A 517 7.95 23.37 3.53
C LEU A 517 7.95 24.89 3.76
N LYS A 518 9.02 25.41 4.33
CA LYS A 518 9.08 26.86 4.54
C LYS A 518 9.08 27.51 3.16
N GLU A 519 9.72 26.85 2.19
CA GLU A 519 9.78 27.35 0.82
C GLU A 519 8.40 27.32 0.17
N LEU A 520 7.61 26.31 0.50
CA LEU A 520 6.26 26.19 -0.04
C LEU A 520 5.36 27.29 0.50
N SER A 521 5.52 27.62 1.78
CA SER A 521 4.70 28.66 2.40
C SER A 521 4.85 29.98 1.64
N ILE A 522 6.03 30.21 1.07
CA ILE A 522 6.28 31.43 0.32
C ILE A 522 5.33 31.53 -0.86
N ARG A 523 4.98 30.40 -1.46
CA ARG A 523 4.06 30.40 -2.58
C ARG A 523 2.68 30.73 -2.03
N GLY A 524 1.78 31.14 -2.91
CA GLY A 524 0.43 31.48 -2.50
C GLY A 524 -0.44 30.30 -2.07
N ASP A 525 -0.51 29.29 -2.92
CA ASP A 525 -1.32 28.10 -2.64
C ASP A 525 -1.16 27.46 -1.26
N PHE A 526 0.06 27.43 -0.74
CA PHE A 526 0.30 26.84 0.58
C PHE A 526 0.85 27.86 1.57
N ARG A 527 0.32 29.09 1.54
CA ARG A 527 0.79 30.14 2.44
C ARG A 527 0.13 30.10 3.82
N THR A 528 -0.31 28.92 4.25
CA THR A 528 -0.96 28.78 5.56
C THR A 528 -1.20 27.33 5.93
N THR A 529 -1.73 26.57 4.99
CA THR A 529 -2.05 25.16 5.20
C THR A 529 -0.86 24.25 5.55
N VAL A 530 0.37 24.71 5.30
CA VAL A 530 1.54 23.88 5.61
C VAL A 530 2.26 24.36 6.85
N GLU A 531 1.75 25.43 7.45
CA GLU A 531 2.35 26.01 8.64
C GLU A 531 2.19 25.10 9.86
N TYR A 532 1.11 24.32 9.92
CA TYR A 532 0.86 23.41 11.04
C TYR A 532 1.82 22.21 11.03
N LEU A 533 2.29 21.84 9.83
CA LEU A 533 3.24 20.73 9.67
C LEU A 533 4.62 21.14 10.16
N ILE A 534 5.00 22.38 9.85
CA ILE A 534 6.30 22.89 10.26
C ILE A 534 6.36 22.94 11.79
N ASN A 535 5.27 23.39 12.42
CA ASN A 535 5.21 23.48 13.88
C ASN A 535 5.25 22.07 14.47
N LEU A 536 4.60 21.12 13.79
CA LEU A 536 4.56 19.74 14.24
C LEU A 536 5.95 19.11 14.12
N LEU A 537 6.58 19.29 12.95
CA LEU A 537 7.90 18.73 12.72
C LEU A 537 8.96 19.30 13.64
N GLU A 538 8.77 20.52 14.12
CA GLU A 538 9.76 21.12 15.00
C GLU A 538 9.45 21.03 16.49
N THR A 539 8.43 20.25 16.86
CA THR A 539 8.10 20.07 18.28
C THR A 539 9.19 19.22 18.93
N GLU A 540 9.39 19.44 20.22
CA GLU A 540 10.39 18.72 20.96
C GLU A 540 10.10 17.22 20.94
N SER A 541 8.85 16.87 21.22
CA SER A 541 8.45 15.47 21.25
C SER A 541 8.69 14.75 19.94
N PHE A 542 8.46 15.44 18.81
CA PHE A 542 8.69 14.82 17.52
C PHE A 542 10.20 14.73 17.28
N GLN A 543 10.87 15.87 17.42
CA GLN A 543 12.32 15.95 17.24
C GLN A 543 13.04 14.86 18.03
N ASN A 544 12.63 14.64 19.28
CA ASN A 544 13.25 13.64 20.13
C ASN A 544 12.75 12.24 19.87
N ASN A 545 11.88 12.08 18.87
CA ASN A 545 11.34 10.77 18.52
C ASN A 545 10.73 10.08 19.74
N ASP A 546 9.75 10.73 20.37
CA ASP A 546 9.08 10.18 21.53
C ASP A 546 7.93 9.27 21.11
N ILE A 547 7.55 8.37 22.01
CA ILE A 547 6.47 7.43 21.74
C ILE A 547 5.11 8.14 21.85
N ASP A 548 4.97 8.99 22.86
CA ASP A 548 3.72 9.69 23.09
C ASP A 548 3.55 10.98 22.28
N THR A 549 3.15 10.83 21.02
CA THR A 549 2.96 11.98 20.14
C THR A 549 1.57 11.97 19.53
N GLY A 550 0.63 11.31 20.19
CA GLY A 550 -0.72 11.25 19.68
C GLY A 550 -1.38 12.62 19.66
N TRP A 551 -0.89 13.53 20.50
CA TRP A 551 -1.46 14.86 20.56
C TRP A 551 -1.08 15.73 19.36
N LEU A 552 -0.08 15.30 18.60
CA LEU A 552 0.34 16.05 17.41
C LEU A 552 -0.84 16.09 16.44
N ASP A 553 -1.84 15.25 16.71
CA ASP A 553 -3.06 15.20 15.90
C ASP A 553 -3.93 16.40 16.32
N TYR A 554 -3.61 16.96 17.48
CA TYR A 554 -4.27 18.12 18.11
C TYR A 554 -5.56 17.75 18.83
C1 S1A B . 12.80 8.31 -5.66
C2 S1A B . 13.10 6.80 -5.78
C3 S1A B . 12.29 6.15 -6.96
C4 S1A B . 12.56 4.58 -7.09
C5 S1A B . 12.07 4.00 -8.49
C6 S1A B . 12.46 4.92 -9.69
C7 S1A B . 12.04 6.42 -9.40
C8 S1A B . 12.47 7.38 -10.56
C9 S1A B . 12.03 8.86 -10.22
C10 S1A B . 10.71 9.30 -10.38
C11 S1A B . 10.31 10.77 -10.04
C12 S1A B . 8.84 10.84 -9.50
C13 S1A B . 8.67 10.02 -8.20
C14 S1A B . 9.52 10.46 -7.02
C15 S1A B . 9.09 9.75 -5.77
C16 S1A B . 9.88 10.16 -4.54
C17 S1A B . 11.41 10.01 -4.60
C19 S1A B . 12.80 6.12 -4.42
C20 S1A B . 14.21 3.13 -6.10
C21 S1A B . 13.97 4.77 -9.99
C22 S1A B . 11.85 6.95 -11.91
C23 S1A B . 11.09 12.82 -10.96
C24 S1A B . 6.56 10.73 -10.28
C25 S1A B . 11.90 10.46 -3.19
C26 S1A B . 11.75 9.55 -2.08
C27 S1A B . 12.14 9.94 -0.78
C28 S1A B . 12.70 11.23 -0.58
C29 S1A B . 12.86 12.13 -1.67
C30 S1A B . 12.46 11.73 -2.98
O1 S1A B . 13.40 9.27 -6.22
O3 S1A B . 10.88 6.35 -6.72
O4 S1A B . 13.98 4.30 -6.93
O5 S1A B . 10.65 3.86 -8.45
O7 S1A B . 12.67 6.88 -8.16
O11 S1A B . 10.41 11.57 -11.23
O12 S1A B . 7.95 10.33 -10.53
O18 S1A B . 11.77 8.59 -4.81
#